data_4MGX
#
_entry.id   4MGX
#
_cell.length_a   111.800
_cell.length_b   111.800
_cell.length_c   59.880
_cell.angle_alpha   90.000
_cell.angle_beta   90.000
_cell.angle_gamma   90.000
#
_symmetry.space_group_name_H-M   'P 43 2 2'
#
loop_
_entity.id
_entity.type
_entity.pdbx_description
1 polymer Filamin-C
2 polymer 'Platelet glycoprotein Ib alpha chain'
3 water water
#
loop_
_entity_poly.entity_id
_entity_poly.type
_entity_poly.pdbx_seq_one_letter_code
_entity_poly.pdbx_strand_id
1 'polypeptide(L)'
;QKVRAWGPGLETGQVGKSADFVVEAIGTEVGTLGFSIEGPSQAKIECDDKGDGSCDVRYWPTEPGEYAVHVICDDEDIRD
SPFIAHILPAPPDCFPDKVKAFGPGLEPTGCIVDKPAEFTIDARAAGKGDLKLYAQDADGCPIDIKVIPNGDGTFRCSYV
PTKPIKHTIIISWGGVNVPKSPFRV
;
A
2 'polypeptide(L)' PTFRSSLFL B
#
# COMPACT_ATOMS: atom_id res chain seq x y z
N GLN A 1 -11.90 -17.45 -3.36
CA GLN A 1 -10.63 -18.01 -2.80
C GLN A 1 -10.21 -17.29 -1.50
N LYS A 2 -9.14 -17.82 -0.88
CA LYS A 2 -8.59 -17.33 0.41
C LYS A 2 -7.72 -16.07 0.25
N VAL A 3 -7.76 -15.39 -0.90
CA VAL A 3 -6.77 -14.31 -1.11
C VAL A 3 -7.20 -12.91 -1.57
N ARG A 4 -6.93 -11.92 -0.71
CA ARG A 4 -7.27 -10.52 -0.93
C ARG A 4 -5.97 -9.76 -1.10
N ALA A 5 -6.01 -8.72 -1.95
CA ALA A 5 -4.83 -7.89 -2.25
C ALA A 5 -5.16 -6.46 -2.72
N TRP A 6 -4.69 -5.45 -1.99
CA TRP A 6 -5.01 -4.06 -2.32
C TRP A 6 -3.82 -3.15 -2.08
N GLY A 7 -3.92 -1.91 -2.53
CA GLY A 7 -2.90 -0.91 -2.22
C GLY A 7 -2.28 -0.19 -3.41
N PRO A 8 -1.47 0.85 -3.13
CA PRO A 8 -0.99 1.83 -4.10
C PRO A 8 -0.40 1.24 -5.36
N GLY A 9 0.38 0.18 -5.21
CA GLY A 9 1.16 -0.37 -6.33
C GLY A 9 0.43 -1.18 -7.41
N LEU A 10 -0.89 -1.22 -7.34
CA LEU A 10 -1.64 -1.98 -8.31
C LEU A 10 -2.30 -0.98 -9.23
N GLU A 11 -2.14 0.28 -8.87
CA GLU A 11 -2.73 1.41 -9.56
C GLU A 11 -1.57 2.16 -10.11
N THR A 12 -0.72 2.57 -9.18
CA THR A 12 0.32 3.48 -9.51
C THR A 12 1.66 3.32 -8.76
N GLY A 13 2.57 4.22 -9.07
CA GLY A 13 3.88 4.25 -8.48
C GLY A 13 4.74 5.18 -9.28
N GLN A 14 6.00 5.22 -8.89
CA GLN A 14 7.00 6.08 -9.47
C GLN A 14 8.20 5.23 -9.77
N VAL A 15 9.00 5.67 -10.73
CA VAL A 15 10.19 4.92 -11.13
C VAL A 15 11.24 4.81 -10.02
N GLY A 16 11.82 3.62 -9.93
CA GLY A 16 12.89 3.32 -8.99
C GLY A 16 12.52 3.71 -7.59
N LYS A 17 11.37 3.21 -7.16
CA LYS A 17 10.78 3.51 -5.89
C LYS A 17 9.83 2.36 -5.86
N SER A 18 9.66 1.73 -4.72
CA SER A 18 8.94 0.46 -4.70
C SER A 18 7.46 0.70 -4.84
N ALA A 19 6.84 0.05 -5.83
CA ALA A 19 5.38 -0.02 -5.88
C ALA A 19 4.93 -1.07 -4.88
N ASP A 20 4.09 -0.68 -3.92
CA ASP A 20 3.72 -1.55 -2.80
C ASP A 20 2.25 -1.91 -2.71
N PHE A 21 1.98 -3.06 -2.11
CA PHE A 21 0.60 -3.41 -1.71
C PHE A 21 0.52 -4.52 -0.67
N VAL A 22 -0.71 -4.85 -0.27
CA VAL A 22 -0.95 -5.84 0.76
C VAL A 22 -1.62 -7.03 0.12
N VAL A 23 -1.36 -8.23 0.65
CA VAL A 23 -2.06 -9.46 0.27
C VAL A 23 -2.48 -10.17 1.54
N GLU A 24 -3.75 -10.58 1.63
CA GLU A 24 -4.28 -11.22 2.84
C GLU A 24 -4.84 -12.58 2.53
N ALA A 25 -4.81 -13.45 3.54
CA ALA A 25 -5.55 -14.70 3.54
C ALA A 25 -7.02 -14.43 3.93
N ILE A 26 -7.87 -15.43 3.75
CA ILE A 26 -9.27 -15.39 4.23
C ILE A 26 -9.78 -16.80 4.53
N GLY A 31 -3.38 -23.64 0.22
CA GLY A 31 -2.44 -23.74 -0.88
C GLY A 31 -1.33 -22.72 -0.73
N THR A 32 -0.46 -22.61 -1.74
CA THR A 32 0.68 -21.70 -1.72
C THR A 32 0.53 -20.63 -2.81
N LEU A 33 1.13 -19.47 -2.56
CA LEU A 33 0.82 -18.20 -3.26
C LEU A 33 1.84 -17.75 -4.30
N GLY A 34 1.44 -16.88 -5.22
CA GLY A 34 2.39 -16.33 -6.18
C GLY A 34 2.07 -15.04 -6.94
N PHE A 35 3.11 -14.33 -7.38
CA PHE A 35 2.99 -13.06 -8.13
C PHE A 35 3.89 -13.01 -9.36
N SER A 36 3.49 -12.23 -10.37
CA SER A 36 4.36 -11.97 -11.54
C SER A 36 4.02 -10.66 -12.18
N ILE A 37 5.01 -10.09 -12.87
CA ILE A 37 4.96 -8.69 -13.29
C ILE A 37 5.47 -8.52 -14.71
N GLU A 38 4.52 -8.41 -15.65
CA GLU A 38 4.87 -8.08 -17.02
C GLU A 38 4.97 -6.59 -17.11
N GLY A 39 6.06 -6.10 -17.70
CA GLY A 39 6.34 -4.68 -17.75
C GLY A 39 7.54 -4.31 -18.60
N PRO A 40 7.70 -3.00 -18.85
CA PRO A 40 8.79 -2.44 -19.65
C PRO A 40 10.18 -2.50 -18.99
N SER A 41 10.24 -2.98 -17.76
CA SER A 41 11.52 -3.17 -17.11
C SER A 41 11.52 -4.48 -16.36
N GLN A 42 12.72 -4.99 -16.09
CA GLN A 42 12.86 -6.05 -15.13
C GLN A 42 12.45 -5.48 -13.79
N ALA A 43 11.29 -5.90 -13.31
CA ALA A 43 10.87 -5.58 -11.94
C ALA A 43 11.49 -6.63 -11.03
N LYS A 44 11.67 -6.28 -9.75
CA LYS A 44 12.17 -7.20 -8.71
C LYS A 44 11.07 -7.26 -7.68
N ILE A 45 10.75 -8.43 -7.16
CA ILE A 45 9.57 -8.48 -6.29
C ILE A 45 9.85 -9.20 -4.97
N GLU A 46 9.10 -8.84 -3.95
CA GLU A 46 9.24 -9.51 -2.66
C GLU A 46 7.96 -9.42 -1.84
N CYS A 47 7.60 -10.54 -1.22
CA CYS A 47 6.52 -10.53 -0.25
C CYS A 47 7.08 -10.76 1.14
N ASP A 48 7.07 -9.70 1.93
CA ASP A 48 7.55 -9.73 3.28
C ASP A 48 6.42 -10.22 4.16
N ASP A 49 6.52 -11.46 4.64
CA ASP A 49 5.48 -12.02 5.51
C ASP A 49 5.45 -11.31 6.86
N LYS A 50 4.29 -10.76 7.17
CA LYS A 50 4.13 -10.09 8.42
C LYS A 50 3.94 -11.02 9.58
N GLY A 51 3.71 -12.29 9.25
CA GLY A 51 3.38 -13.30 10.22
C GLY A 51 1.91 -13.67 10.07
N ASP A 52 1.05 -12.66 9.97
CA ASP A 52 -0.42 -12.79 10.19
C ASP A 52 -1.29 -13.13 8.97
N GLY A 53 -0.82 -14.00 8.09
CA GLY A 53 -1.61 -14.41 6.92
C GLY A 53 -1.74 -13.29 5.92
N SER A 54 -1.09 -12.17 6.25
CA SER A 54 -0.90 -11.06 5.34
C SER A 54 0.59 -10.76 5.19
N CYS A 55 0.96 -10.19 4.05
CA CYS A 55 2.33 -9.88 3.77
C CYS A 55 2.42 -8.64 2.90
N ASP A 56 3.41 -7.79 3.22
CA ASP A 56 3.76 -6.59 2.45
C ASP A 56 4.39 -7.05 1.17
N VAL A 57 3.79 -6.68 0.06
CA VAL A 57 4.41 -6.96 -1.21
C VAL A 57 4.89 -5.68 -1.83
N ARG A 58 6.13 -5.71 -2.32
CA ARG A 58 6.69 -4.58 -3.06
C ARG A 58 7.50 -5.05 -4.25
N TYR A 59 7.25 -4.41 -5.39
CA TYR A 59 8.10 -4.56 -6.58
C TYR A 59 8.74 -3.23 -7.00
N TRP A 60 9.77 -3.29 -7.81
CA TRP A 60 10.62 -2.14 -8.09
C TRP A 60 10.72 -1.94 -9.59
N PRO A 61 9.86 -1.09 -10.18
CA PRO A 61 9.96 -0.78 -11.60
C PRO A 61 11.12 0.18 -11.83
N THR A 62 11.75 0.07 -13.00
CA THR A 62 12.87 0.95 -13.37
C THR A 62 12.58 1.69 -14.66
N GLU A 63 11.32 1.69 -15.08
CA GLU A 63 10.94 2.29 -16.33
C GLU A 63 9.62 2.97 -16.15
N PRO A 64 9.48 4.18 -16.71
CA PRO A 64 8.13 4.69 -16.72
C PRO A 64 7.34 3.76 -17.64
N GLY A 65 6.03 3.73 -17.51
CA GLY A 65 5.22 2.91 -18.38
C GLY A 65 4.20 2.11 -17.60
N GLU A 66 3.52 1.21 -18.29
CA GLU A 66 2.46 0.45 -17.66
C GLU A 66 2.87 -1.02 -17.47
N TYR A 67 2.61 -1.53 -16.27
CA TYR A 67 2.99 -2.89 -15.86
C TYR A 67 1.70 -3.60 -15.47
N ALA A 68 1.63 -4.91 -15.73
CA ALA A 68 0.47 -5.73 -15.39
C ALA A 68 0.82 -6.59 -14.20
N VAL A 69 0.08 -6.45 -13.11
CA VAL A 69 0.42 -7.17 -11.88
C VAL A 69 -0.51 -8.37 -11.69
N HIS A 70 -0.03 -9.55 -12.04
CA HIS A 70 -0.81 -10.77 -11.80
C HIS A 70 -0.49 -11.19 -10.38
N VAL A 71 -1.53 -11.28 -9.54
CA VAL A 71 -1.42 -12.08 -8.33
C VAL A 71 -2.09 -13.38 -8.68
N ILE A 72 -1.58 -14.47 -8.13
CA ILE A 72 -2.03 -15.81 -8.47
C ILE A 72 -2.15 -16.67 -7.23
N CYS A 73 -3.36 -17.19 -7.03
CA CYS A 73 -3.68 -18.04 -5.90
C CYS A 73 -3.13 -19.46 -6.06
N ASP A 74 -3.80 -20.26 -6.88
CA ASP A 74 -3.22 -21.51 -7.37
C ASP A 74 -3.47 -21.52 -8.85
N ASP A 75 -2.55 -22.09 -9.61
CA ASP A 75 -2.79 -22.39 -11.02
C ASP A 75 -3.37 -21.21 -11.85
N GLU A 76 -3.71 -20.07 -11.23
CA GLU A 76 -4.61 -19.07 -11.87
C GLU A 76 -4.86 -17.78 -11.06
N ASP A 77 -5.08 -16.70 -11.81
CA ASP A 77 -5.15 -15.31 -11.30
C ASP A 77 -6.10 -15.09 -10.14
N ILE A 78 -5.80 -14.07 -9.35
CA ILE A 78 -6.73 -13.57 -8.33
C ILE A 78 -7.90 -12.97 -9.05
N ARG A 79 -8.92 -12.63 -8.27
CA ARG A 79 -10.18 -12.21 -8.81
C ARG A 79 -10.02 -11.06 -9.77
N ASP A 80 -9.46 -9.96 -9.31
CA ASP A 80 -9.38 -8.89 -10.24
C ASP A 80 -8.09 -8.87 -11.02
N SER A 81 -7.17 -9.77 -10.63
CA SER A 81 -5.87 -9.94 -11.26
C SER A 81 -5.96 -10.53 -12.69
N PRO A 82 -5.12 -10.02 -13.62
CA PRO A 82 -4.04 -9.09 -13.35
C PRO A 82 -4.58 -7.74 -12.96
N PHE A 83 -3.83 -7.01 -12.15
CA PHE A 83 -4.04 -5.60 -12.00
C PHE A 83 -3.10 -4.88 -12.90
N ILE A 84 -3.44 -3.66 -13.19
CA ILE A 84 -2.77 -2.97 -14.22
C ILE A 84 -2.37 -1.63 -13.61
N ALA A 85 -1.08 -1.37 -13.62
CA ALA A 85 -0.53 -0.24 -12.89
C ALA A 85 0.26 0.64 -13.81
N HIS A 86 -0.08 1.93 -13.83
CA HIS A 86 0.69 2.89 -14.59
C HIS A 86 1.72 3.51 -13.68
N ILE A 87 2.99 3.24 -14.00
CA ILE A 87 4.13 3.78 -13.24
C ILE A 87 4.60 5.09 -13.86
N LEU A 88 4.66 6.15 -13.04
CA LEU A 88 5.08 7.48 -13.48
C LEU A 88 6.61 7.72 -13.31
N PRO A 89 7.19 8.63 -14.11
CA PRO A 89 8.61 8.92 -13.84
C PRO A 89 8.83 9.79 -12.60
N ALA A 90 9.85 9.46 -11.80
CA ALA A 90 10.09 10.14 -10.52
C ALA A 90 10.27 11.62 -10.77
N PRO A 91 9.33 12.44 -10.29
CA PRO A 91 9.52 13.86 -10.37
C PRO A 91 10.79 14.23 -9.65
N PRO A 92 11.47 15.26 -10.16
CA PRO A 92 12.71 15.73 -9.57
C PRO A 92 12.53 16.22 -8.12
N ASP A 93 11.28 16.43 -7.70
CA ASP A 93 11.02 17.20 -6.50
C ASP A 93 10.02 16.55 -5.56
N CYS A 94 10.05 15.21 -5.49
CA CYS A 94 9.13 14.49 -4.61
C CYS A 94 9.79 13.45 -3.68
N PHE A 95 9.64 13.62 -2.38
CA PHE A 95 10.37 12.76 -1.46
C PHE A 95 9.47 12.01 -0.50
N PRO A 96 8.92 10.88 -0.96
CA PRO A 96 8.03 10.13 -0.11
C PRO A 96 8.78 9.55 1.09
N ASP A 97 9.92 8.91 0.90
CA ASP A 97 10.75 8.43 2.03
C ASP A 97 10.78 9.44 3.18
N LYS A 98 10.67 10.73 2.87
CA LYS A 98 10.76 11.81 3.88
C LYS A 98 9.39 12.24 4.45
N VAL A 99 8.37 11.40 4.32
CA VAL A 99 7.07 11.72 4.94
C VAL A 99 7.00 11.02 6.26
N LYS A 100 6.56 11.71 7.32
CA LYS A 100 6.27 10.98 8.54
C LYS A 100 4.80 11.06 8.98
N ALA A 101 4.38 10.01 9.69
CA ALA A 101 2.98 9.77 10.11
C ALA A 101 2.96 9.01 11.45
N PHE A 102 1.97 9.24 12.30
CA PHE A 102 2.08 8.79 13.69
C PHE A 102 0.91 9.15 14.60
N GLY A 103 0.87 8.49 15.76
CA GLY A 103 -0.11 8.78 16.80
C GLY A 103 -0.96 7.58 17.16
N PRO A 104 -1.60 7.63 18.34
CA PRO A 104 -2.47 6.61 18.95
C PRO A 104 -3.16 5.67 17.96
N GLY A 105 -3.70 6.25 16.88
CA GLY A 105 -4.43 5.50 15.87
C GLY A 105 -3.56 4.79 14.85
N LEU A 106 -2.29 4.57 15.16
CA LEU A 106 -1.46 3.70 14.31
C LEU A 106 -0.67 2.58 15.03
N GLU A 107 -1.08 2.21 16.24
CA GLU A 107 -0.34 1.25 17.08
C GLU A 107 -0.55 -0.22 16.75
N PRO A 108 -0.03 -1.10 17.60
CA PRO A 108 -0.66 -2.35 17.97
C PRO A 108 -2.19 -2.27 17.95
N THR A 109 -2.82 -1.86 19.06
CA THR A 109 -4.27 -1.56 19.11
C THR A 109 -4.53 -0.57 20.25
N GLY A 110 -5.14 -1.04 21.33
CA GLY A 110 -5.69 -0.14 22.34
C GLY A 110 -6.92 0.55 21.76
N CYS A 111 -6.94 0.65 20.43
CA CYS A 111 -8.09 1.14 19.69
C CYS A 111 -9.37 0.39 19.99
N ILE A 112 -10.28 1.11 20.63
CA ILE A 112 -11.37 0.52 21.37
C ILE A 112 -12.70 0.57 20.65
N VAL A 113 -13.49 -0.51 20.86
CA VAL A 113 -14.91 -0.66 20.40
C VAL A 113 -15.26 0.49 19.38
N ASP A 114 -16.24 1.35 19.63
CA ASP A 114 -16.52 2.47 18.71
C ASP A 114 -15.95 3.70 19.37
N LYS A 115 -14.95 4.31 18.76
CA LYS A 115 -14.17 5.33 19.44
C LYS A 115 -13.11 5.82 18.45
N PRO A 116 -12.77 7.12 18.51
CA PRO A 116 -11.89 7.68 17.51
C PRO A 116 -10.43 7.47 17.85
N ALA A 117 -9.67 7.08 16.85
CA ALA A 117 -8.25 6.97 17.02
C ALA A 117 -7.62 8.01 16.12
N GLU A 118 -6.87 8.89 16.77
CA GLU A 118 -6.24 10.03 16.12
C GLU A 118 -4.99 9.63 15.36
N PHE A 119 -4.55 10.49 14.45
CA PHE A 119 -3.16 10.45 13.95
C PHE A 119 -2.86 11.53 12.91
N THR A 120 -1.61 11.96 12.85
CA THR A 120 -1.25 13.06 11.96
C THR A 120 -0.27 12.65 10.83
N ILE A 121 -0.03 13.57 9.90
CA ILE A 121 0.89 13.28 8.80
C ILE A 121 1.68 14.50 8.40
N ASP A 122 2.99 14.42 8.62
CA ASP A 122 3.88 15.52 8.35
C ASP A 122 4.59 15.30 7.02
N ALA A 123 4.11 16.04 6.03
CA ALA A 123 4.58 15.89 4.68
C ALA A 123 5.55 16.98 4.29
N ARG A 124 6.01 17.77 5.25
CA ARG A 124 6.70 19.01 4.90
C ARG A 124 8.10 18.83 4.31
N ALA A 125 8.80 17.78 4.70
CA ALA A 125 10.09 17.51 4.12
C ALA A 125 9.93 16.61 2.91
N ALA A 126 8.80 16.71 2.24
CA ALA A 126 8.42 15.63 1.33
C ALA A 126 8.14 16.09 -0.08
N GLY A 127 8.43 17.36 -0.37
CA GLY A 127 8.24 17.88 -1.72
C GLY A 127 6.78 17.95 -2.17
N LYS A 128 6.58 17.99 -3.48
CA LYS A 128 5.25 18.11 -4.06
C LYS A 128 4.62 16.75 -4.33
N GLY A 129 3.31 16.60 -4.06
CA GLY A 129 2.60 15.38 -4.41
C GLY A 129 1.16 15.20 -3.96
N ASP A 130 0.47 14.25 -4.57
CA ASP A 130 -0.87 13.90 -4.19
C ASP A 130 -0.79 12.93 -3.06
N LEU A 131 -1.62 13.19 -2.06
CA LEU A 131 -1.77 12.28 -0.94
C LEU A 131 -2.95 11.35 -1.16
N LYS A 132 -2.79 10.08 -0.81
CA LYS A 132 -3.89 9.15 -0.96
C LYS A 132 -3.76 8.01 0.01
N LEU A 133 -4.87 7.69 0.67
CA LEU A 133 -4.86 6.60 1.62
C LEU A 133 -5.49 5.37 1.04
N TYR A 134 -5.32 4.25 1.73
CA TYR A 134 -5.92 2.99 1.35
C TYR A 134 -6.19 2.26 2.65
N ALA A 135 -7.44 2.12 3.03
CA ALA A 135 -7.66 1.43 4.29
C ALA A 135 -8.75 0.41 4.17
N GLN A 136 -8.42 -0.79 4.61
CA GLN A 136 -9.39 -1.82 4.77
C GLN A 136 -9.04 -2.53 6.05
N ASP A 137 -10.05 -3.03 6.72
CA ASP A 137 -9.86 -3.83 7.92
C ASP A 137 -9.22 -5.19 7.65
N ALA A 138 -9.57 -6.12 8.53
CA ALA A 138 -9.20 -7.51 8.44
C ALA A 138 -10.26 -8.32 7.68
N ASP A 139 -11.08 -7.68 6.88
CA ASP A 139 -12.07 -8.39 6.05
C ASP A 139 -12.28 -7.71 4.70
N GLY A 140 -11.42 -6.75 4.39
CA GLY A 140 -11.50 -6.04 3.12
C GLY A 140 -12.72 -5.12 3.06
N CYS A 141 -13.35 -4.87 4.20
CA CYS A 141 -14.22 -3.71 4.30
C CYS A 141 -13.37 -2.44 4.28
N PRO A 142 -13.71 -1.53 3.38
CA PRO A 142 -13.09 -0.20 3.34
C PRO A 142 -13.16 0.50 4.70
N ILE A 143 -12.12 1.27 5.06
CA ILE A 143 -12.15 2.15 6.24
C ILE A 143 -12.12 3.61 5.79
N ASP A 144 -13.16 4.38 6.22
CA ASP A 144 -13.28 5.83 5.97
C ASP A 144 -12.40 6.58 6.94
N ILE A 145 -11.49 7.38 6.39
CA ILE A 145 -10.68 8.25 7.20
C ILE A 145 -10.82 9.68 6.70
N LYS A 146 -11.61 10.51 7.38
CA LYS A 146 -11.61 11.93 7.06
C LYS A 146 -10.19 12.42 7.32
N VAL A 147 -9.63 13.11 6.33
CA VAL A 147 -8.31 13.73 6.43
C VAL A 147 -8.43 15.24 6.26
N ILE A 148 -8.04 15.97 7.29
CA ILE A 148 -8.19 17.40 7.29
C ILE A 148 -6.80 17.98 7.22
N PRO A 149 -6.52 18.71 6.13
CA PRO A 149 -5.21 19.30 5.87
C PRO A 149 -5.12 20.58 6.67
N ASN A 150 -4.05 20.79 7.41
CA ASN A 150 -4.01 21.97 8.28
C ASN A 150 -3.59 23.19 7.52
N GLY A 151 -2.79 22.96 6.49
CA GLY A 151 -2.38 24.01 5.60
C GLY A 151 -0.89 23.93 5.42
N ASP A 152 -0.20 23.70 6.53
CA ASP A 152 1.24 23.79 6.56
C ASP A 152 1.95 22.54 6.06
N GLY A 153 1.21 21.58 5.52
CA GLY A 153 1.83 20.36 5.02
C GLY A 153 1.73 19.20 5.99
N THR A 154 0.86 19.39 6.97
CA THR A 154 0.57 18.38 7.97
C THR A 154 -0.92 18.08 7.91
N PHE A 155 -1.33 16.94 8.46
CA PHE A 155 -2.70 16.50 8.27
C PHE A 155 -3.34 15.84 9.49
N ARG A 156 -4.46 16.40 9.95
CA ARG A 156 -5.26 15.77 10.98
C ARG A 156 -6.12 14.76 10.29
N CYS A 157 -6.07 13.54 10.79
CA CYS A 157 -6.94 12.47 10.29
C CYS A 157 -7.24 11.44 11.35
N SER A 158 -8.45 10.92 11.30
CA SER A 158 -8.84 9.90 12.25
C SER A 158 -9.95 9.05 11.66
N TYR A 159 -10.31 7.99 12.40
CA TYR A 159 -11.29 6.98 12.00
C TYR A 159 -11.88 6.37 13.26
N VAL A 160 -12.87 5.49 13.09
CA VAL A 160 -13.51 4.81 14.23
C VAL A 160 -13.58 3.30 14.09
N PRO A 161 -12.68 2.56 14.76
CA PRO A 161 -12.85 1.12 14.77
C PRO A 161 -14.17 0.75 15.41
N THR A 162 -14.62 -0.48 15.20
CA THR A 162 -15.69 -1.07 16.02
C THR A 162 -15.13 -2.24 16.86
N LYS A 163 -13.90 -2.70 16.54
CA LYS A 163 -13.41 -4.02 17.00
C LYS A 163 -12.19 -4.06 17.92
N PRO A 164 -12.28 -4.91 18.97
CA PRO A 164 -11.07 -5.49 19.51
C PRO A 164 -10.23 -6.20 18.40
N ILE A 165 -10.20 -5.65 17.17
CA ILE A 165 -9.43 -6.27 16.06
C ILE A 165 -8.63 -5.30 15.20
N LYS A 166 -8.05 -5.89 14.15
CA LYS A 166 -7.06 -5.30 13.26
C LYS A 166 -7.59 -4.56 12.02
N HIS A 167 -7.13 -3.32 11.86
CA HIS A 167 -7.46 -2.49 10.70
C HIS A 167 -6.15 -2.07 10.01
N THR A 168 -6.12 -2.11 8.67
CA THR A 168 -4.90 -1.83 7.89
C THR A 168 -4.89 -0.50 7.07
N ILE A 169 -3.92 0.35 7.37
CA ILE A 169 -3.84 1.65 6.70
C ILE A 169 -2.58 1.85 5.81
N ILE A 170 -2.80 2.01 4.51
CA ILE A 170 -1.71 2.23 3.62
C ILE A 170 -1.69 3.71 3.31
N ILE A 171 -0.48 4.25 3.22
CA ILE A 171 -0.30 5.66 2.92
C ILE A 171 0.61 6.00 1.72
N SER A 172 0.03 6.72 0.73
CA SER A 172 0.76 7.12 -0.49
C SER A 172 0.86 8.63 -0.73
N TRP A 173 2.10 9.08 -0.87
CA TRP A 173 2.43 10.44 -1.33
C TRP A 173 2.98 10.36 -2.77
N GLY A 174 2.37 11.09 -3.70
CA GLY A 174 2.73 11.01 -5.10
C GLY A 174 2.67 9.58 -5.65
N GLY A 175 1.75 8.81 -5.06
CA GLY A 175 1.43 7.46 -5.53
C GLY A 175 2.47 6.42 -5.12
N VAL A 176 3.20 6.76 -4.06
CA VAL A 176 4.33 5.97 -3.62
C VAL A 176 4.11 5.71 -2.14
N ASN A 177 4.07 4.42 -1.72
CA ASN A 177 3.77 4.06 -0.32
C ASN A 177 4.82 4.67 0.61
N VAL A 178 4.41 5.03 1.82
CA VAL A 178 5.27 5.87 2.66
C VAL A 178 6.04 5.05 3.73
N PRO A 179 7.18 5.59 4.25
CA PRO A 179 7.95 4.76 5.20
C PRO A 179 7.14 4.40 6.43
N LYS A 180 7.43 3.25 7.05
CA LYS A 180 6.71 2.81 8.26
C LYS A 180 5.33 2.20 7.93
N SER A 181 4.76 2.60 6.78
CA SER A 181 3.48 2.12 6.25
C SER A 181 3.68 0.83 5.44
N PRO A 182 2.63 -0.02 5.26
CA PRO A 182 1.23 0.05 5.73
C PRO A 182 1.12 -0.25 7.21
N PHE A 183 0.44 0.63 7.92
CA PHE A 183 0.25 0.46 9.35
C PHE A 183 -0.88 -0.52 9.73
N ARG A 184 -0.58 -1.40 10.68
CA ARG A 184 -1.51 -2.44 11.10
C ARG A 184 -2.00 -2.30 12.56
N VAL A 185 -3.31 -2.28 12.77
CA VAL A 185 -3.87 -2.05 14.11
C VAL A 185 -5.01 -2.99 14.47
N PRO B 1 11.10 -3.23 -24.99
CA PRO B 1 11.27 -4.59 -24.50
C PRO B 1 10.22 -4.96 -23.44
N THR B 2 9.70 -6.18 -23.54
CA THR B 2 8.79 -6.69 -22.53
C THR B 2 9.52 -7.72 -21.65
N PHE B 3 9.31 -7.62 -20.34
CA PHE B 3 10.02 -8.44 -19.36
C PHE B 3 9.05 -9.05 -18.39
N ARG B 4 9.25 -10.29 -17.97
CA ARG B 4 8.41 -10.84 -16.89
C ARG B 4 9.15 -11.48 -15.72
N SER B 5 8.92 -10.88 -14.55
CA SER B 5 9.49 -11.28 -13.27
C SER B 5 8.41 -11.86 -12.39
N SER B 6 8.78 -12.72 -11.44
CA SER B 6 7.80 -13.55 -10.72
C SER B 6 8.38 -14.25 -9.48
N LEU B 7 7.54 -14.43 -8.45
CA LEU B 7 7.91 -15.09 -7.18
C LEU B 7 6.80 -15.98 -6.57
N PHE B 8 7.15 -17.11 -5.92
CA PHE B 8 6.17 -18.06 -5.35
C PHE B 8 6.48 -18.71 -4.00
N LEU B 9 5.44 -18.95 -3.22
CA LEU B 9 5.56 -19.56 -1.89
C LEU B 9 4.27 -20.22 -1.41
#